data_3PJG
#
_entry.id   3PJG
#
_cell.length_a   133.403
_cell.length_b   133.403
_cell.length_c   187.279
_cell.angle_alpha   90.00
_cell.angle_beta   90.00
_cell.angle_gamma   120.00
#
_symmetry.space_group_name_H-M   'P 64 2 2'
#
loop_
_entity.id
_entity.type
_entity.pdbx_description
1 polymer 'UDP-glucose 6-dehydrogenase'
2 non-polymer '3-CYCLOHEXYL-1-PROPYLSULFONIC ACID'
3 non-polymer "URIDINE-5'-DIPHOSPHATE-GLUCURONIC ACID"
4 water water
#
_entity_poly.entity_id   1
_entity_poly.type   'polypeptide(L)'
_entity_poly.pdbx_seq_one_letter_code
;MGSSHHHHHHSSGLVPRGSHMASMTGGQQMGRGSEFMKITISGTGYVGLSNGVLIAQNHEVVALDIVQAKVDMLNQKISP
IVDKEIQEYLAEKPLNFRATTDKHDAYRNADYVIIATPTDYDPKTNYFNTSTVEAVIRDVTEINPNAVMIIKSTIPVGFT
RDIKERLGIDNVIFSPEFLREGRALYDNLHPSRIVIGERSARAERFADLLKEGAIKQDIPTLFTDSTEAEAIKLFANTYL
ALRVAYFNELDSYAESQGLNSKQIIEGVCLDPRIGNHYNNPSFGYGGYCLPKDTKQLLANYESVPNNIIAAIVDANRTRK
DFIADSILARKPKVVGVYRLIMKSGSDNFRASSIQGIMKRIKAKGIPVIIYEPVMQEDEFFNSRVVRDLNAFKQEADVII
SNRMAEELADVADKVYTRDLFGND
;
_entity_poly.pdbx_strand_id   A
#
loop_
_chem_comp.id
_chem_comp.type
_chem_comp.name
_chem_comp.formula
CXS non-polymer '3-CYCLOHEXYL-1-PROPYLSULFONIC ACID' 'C9 H19 N O3 S'
UGA non-polymer 'URIDINE-5'-DIPHOSPHATE-GLUCURONIC ACID' 'C15 H22 N2 O18 P2'
#
# COMPACT_ATOMS: atom_id res chain seq x y z
N PHE A 36 9.87 13.78 28.34
CA PHE A 36 9.05 15.03 28.23
C PHE A 36 7.93 15.03 27.13
N MET A 37 8.20 14.49 25.95
CA MET A 37 7.24 14.49 24.82
C MET A 37 6.30 13.30 24.59
N LYS A 38 5.03 13.58 24.37
CA LYS A 38 4.09 12.50 24.12
C LYS A 38 3.49 12.56 22.71
N ILE A 39 3.63 11.43 22.00
CA ILE A 39 3.07 11.29 20.64
C ILE A 39 1.96 10.23 20.58
N THR A 40 0.81 10.58 20.00
CA THR A 40 -0.29 9.62 19.86
C THR A 40 -0.49 9.28 18.37
N ILE A 41 -0.61 7.98 18.07
CA ILE A 41 -0.83 7.50 16.70
C ILE A 41 -2.28 7.14 16.61
N SER A 42 -3.00 7.77 15.73
CA SER A 42 -4.40 7.41 15.62
C SER A 42 -4.53 6.48 14.38
N GLY A 43 -4.83 5.20 14.61
CA GLY A 43 -4.92 4.26 13.50
C GLY A 43 -3.71 3.34 13.60
N THR A 44 -3.91 2.04 13.80
CA THR A 44 -2.72 1.20 13.92
C THR A 44 -2.49 0.13 12.84
N GLY A 45 -2.41 0.61 11.60
CA GLY A 45 -2.18 -0.27 10.48
C GLY A 45 -0.68 -0.27 10.32
N TYR A 46 -0.16 -0.73 9.22
CA TYR A 46 1.27 -0.72 9.18
C TYR A 46 1.86 0.69 9.15
N VAL A 47 1.12 1.69 8.66
CA VAL A 47 1.72 3.02 8.67
C VAL A 47 1.81 3.56 10.10
N GLY A 48 0.70 3.40 10.83
CA GLY A 48 0.64 3.78 12.22
C GLY A 48 1.71 3.07 13.07
N LEU A 49 1.75 1.75 13.09
CA LEU A 49 2.75 1.05 13.88
C LEU A 49 4.17 1.38 13.50
N SER A 50 4.38 1.64 12.22
CA SER A 50 5.71 1.92 11.72
C SER A 50 6.26 3.15 12.45
N ASN A 51 5.50 4.24 12.35
CA ASN A 51 5.86 5.48 13.00
C ASN A 51 5.85 5.32 14.54
N GLY A 52 4.79 4.66 15.05
CA GLY A 52 4.69 4.44 16.48
C GLY A 52 5.96 3.78 17.02
N VAL A 53 6.37 2.67 16.43
CA VAL A 53 7.55 2.00 16.93
C VAL A 53 8.82 2.81 16.72
N LEU A 54 8.88 3.55 15.64
CA LEU A 54 10.08 4.34 15.36
C LEU A 54 10.31 5.35 16.48
N ILE A 55 9.29 6.15 16.76
CA ILE A 55 9.30 7.19 17.76
C ILE A 55 9.37 6.68 19.22
N ALA A 56 8.76 5.52 19.48
CA ALA A 56 8.77 4.92 20.82
C ALA A 56 10.18 4.42 21.25
N GLN A 57 11.21 4.63 20.43
CA GLN A 57 12.52 4.22 20.89
C GLN A 57 13.06 5.31 21.84
N ASN A 58 12.52 6.51 21.73
CA ASN A 58 12.94 7.62 22.53
C ASN A 58 11.84 8.48 23.11
N HIS A 59 10.57 8.14 22.88
CA HIS A 59 9.48 8.95 23.43
C HIS A 59 8.23 8.14 23.77
N GLU A 60 7.33 8.78 24.53
CA GLU A 60 6.11 8.11 24.90
C GLU A 60 5.20 8.08 23.72
N VAL A 61 4.87 6.87 23.31
CA VAL A 61 3.98 6.69 22.17
C VAL A 61 2.75 5.94 22.62
N VAL A 62 1.57 6.45 22.28
CA VAL A 62 0.34 5.74 22.60
C VAL A 62 -0.43 5.51 21.30
N ALA A 63 -0.66 4.26 20.97
CA ALA A 63 -1.38 3.88 19.76
C ALA A 63 -2.88 3.74 19.99
N LEU A 64 -3.65 4.50 19.25
CA LEU A 64 -5.09 4.42 19.36
C LEU A 64 -5.73 3.66 18.18
N ASP A 65 -6.59 2.69 18.46
CA ASP A 65 -7.31 2.01 17.39
C ASP A 65 -8.74 1.78 17.79
N ILE A 66 -9.57 1.35 16.87
CA ILE A 66 -10.96 1.12 17.24
C ILE A 66 -11.23 -0.37 17.33
N VAL A 67 -10.23 -1.22 17.11
CA VAL A 67 -10.50 -2.65 17.21
C VAL A 67 -9.93 -3.19 18.50
N GLN A 68 -10.81 -3.49 19.46
CA GLN A 68 -10.30 -3.95 20.73
C GLN A 68 -9.30 -5.07 20.63
N ALA A 69 -9.57 -6.02 19.75
CA ALA A 69 -8.69 -7.16 19.67
C ALA A 69 -7.26 -6.86 19.19
N LYS A 70 -7.12 -5.92 18.26
CA LYS A 70 -5.76 -5.62 17.78
C LYS A 70 -5.01 -4.95 18.93
N VAL A 71 -5.72 -4.05 19.60
CA VAL A 71 -5.14 -3.30 20.70
C VAL A 71 -4.69 -4.24 21.77
N ASP A 72 -5.48 -5.27 22.02
CA ASP A 72 -5.13 -6.21 23.06
C ASP A 72 -3.89 -6.95 22.81
N MET A 73 -3.68 -7.33 21.56
CA MET A 73 -2.44 -8.00 21.22
C MET A 73 -1.23 -7.10 21.29
N LEU A 74 -1.38 -5.84 20.88
CA LEU A 74 -0.29 -4.91 20.92
C LEU A 74 0.22 -4.75 22.33
N ASN A 75 -0.71 -4.67 23.28
CA ASN A 75 -0.36 -4.55 24.69
C ASN A 75 0.33 -5.79 25.24
N GLN A 76 0.18 -6.92 24.53
CA GLN A 76 0.86 -8.19 24.85
C GLN A 76 2.17 -8.28 24.02
N LYS A 77 2.55 -7.19 23.34
CA LYS A 77 3.75 -7.17 22.48
C LYS A 77 3.70 -8.10 21.24
N ILE A 78 2.49 -8.43 20.77
CA ILE A 78 2.25 -9.28 19.60
C ILE A 78 1.82 -8.38 18.42
N SER A 79 2.59 -8.37 17.31
CA SER A 79 2.17 -7.54 16.20
C SER A 79 0.95 -8.14 15.49
N PRO A 80 -0.05 -7.33 15.25
CA PRO A 80 -1.25 -7.80 14.58
C PRO A 80 -1.12 -7.84 13.04
N ILE A 81 0.02 -7.43 12.49
CA ILE A 81 0.24 -7.47 11.06
C ILE A 81 1.60 -8.11 10.84
N VAL A 82 1.81 -8.69 9.66
CA VAL A 82 3.09 -9.34 9.33
C VAL A 82 4.06 -8.27 8.83
N ASP A 83 5.20 -8.15 9.47
CA ASP A 83 6.20 -7.16 9.08
C ASP A 83 7.35 -7.52 10.00
N LYS A 84 8.41 -8.10 9.44
CA LYS A 84 9.49 -8.56 10.28
C LYS A 84 9.97 -7.60 11.39
N GLU A 85 10.44 -6.43 11.01
CA GLU A 85 10.95 -5.49 11.98
C GLU A 85 9.92 -5.02 13.02
N ILE A 86 8.66 -4.83 12.62
CA ILE A 86 7.67 -4.39 13.58
C ILE A 86 7.51 -5.49 14.62
N GLN A 87 7.40 -6.74 14.16
CA GLN A 87 7.21 -7.85 15.09
C GLN A 87 8.38 -7.95 16.03
N GLU A 88 9.59 -7.74 15.52
CA GLU A 88 10.71 -7.91 16.38
C GLU A 88 11.03 -6.70 17.25
N TYR A 89 10.85 -5.50 16.74
CA TYR A 89 11.09 -4.36 17.62
C TYR A 89 10.08 -4.36 18.79
N LEU A 90 8.86 -4.77 18.50
CA LEU A 90 7.78 -4.79 19.47
C LEU A 90 8.00 -5.86 20.52
N ALA A 91 8.79 -6.87 20.20
CA ALA A 91 8.98 -7.90 21.17
C ALA A 91 10.40 -7.98 21.68
N GLU A 92 11.31 -7.20 21.15
CA GLU A 92 12.64 -7.37 21.66
C GLU A 92 13.35 -6.13 22.04
N LYS A 93 12.87 -5.00 21.55
CA LYS A 93 13.51 -3.74 21.86
C LYS A 93 12.71 -3.03 22.96
N PRO A 94 13.41 -2.23 23.78
CA PRO A 94 12.73 -1.48 24.84
C PRO A 94 12.03 -0.27 24.19
N LEU A 95 10.70 -0.26 24.23
CA LEU A 95 9.93 0.80 23.62
C LEU A 95 8.98 1.40 24.61
N ASN A 96 8.75 2.69 24.50
CA ASN A 96 7.81 3.34 25.39
C ASN A 96 6.51 3.35 24.56
N PHE A 97 5.91 2.17 24.48
CA PHE A 97 4.75 2.01 23.62
C PHE A 97 3.57 1.27 24.23
N ARG A 98 2.36 1.73 23.94
CA ARG A 98 1.14 1.05 24.40
C ARG A 98 0.03 1.45 23.44
N ALA A 99 -1.05 0.66 23.45
CA ALA A 99 -2.21 0.81 22.57
C ALA A 99 -3.48 0.87 23.38
N THR A 100 -4.50 1.50 22.82
CA THR A 100 -5.76 1.61 23.52
C THR A 100 -6.93 1.93 22.57
N THR A 101 -8.16 1.63 23.02
CA THR A 101 -9.32 1.96 22.24
C THR A 101 -9.99 3.19 22.90
N ASP A 102 -9.27 3.84 23.83
CA ASP A 102 -9.82 5.01 24.56
C ASP A 102 -9.23 6.31 24.07
N LYS A 103 -10.02 7.07 23.33
CA LYS A 103 -9.50 8.29 22.77
C LYS A 103 -9.16 9.37 23.77
N HIS A 104 -9.97 9.52 24.82
CA HIS A 104 -9.64 10.51 25.88
C HIS A 104 -8.29 10.20 26.51
N ASP A 105 -8.05 8.97 26.95
CA ASP A 105 -6.74 8.66 27.52
C ASP A 105 -5.62 8.79 26.46
N ALA A 106 -5.90 8.34 25.23
CA ALA A 106 -4.93 8.42 24.12
C ALA A 106 -4.53 9.83 23.74
N TYR A 107 -5.49 10.75 23.58
CA TYR A 107 -5.14 12.11 23.16
C TYR A 107 -4.65 13.07 24.24
N ARG A 108 -4.95 12.74 25.49
CA ARG A 108 -4.61 13.57 26.62
C ARG A 108 -3.12 13.91 26.66
N ASN A 109 -2.83 15.21 26.71
CA ASN A 109 -1.43 15.69 26.79
C ASN A 109 -0.56 15.29 25.61
N ALA A 110 -1.18 14.92 24.51
CA ALA A 110 -0.39 14.55 23.39
C ALA A 110 0.18 15.87 22.79
N ASP A 111 1.44 15.81 22.42
CA ASP A 111 2.07 16.96 21.80
C ASP A 111 1.76 16.89 20.30
N TYR A 112 1.95 15.69 19.74
CA TYR A 112 1.64 15.41 18.34
C TYR A 112 0.68 14.24 18.29
N VAL A 113 -0.24 14.30 17.35
CA VAL A 113 -1.11 13.17 17.09
C VAL A 113 -0.88 12.82 15.58
N ILE A 114 -0.26 11.67 15.29
CA ILE A 114 -0.05 11.20 13.92
C ILE A 114 -1.33 10.50 13.42
N ILE A 115 -1.94 11.00 12.35
CA ILE A 115 -3.18 10.36 11.88
C ILE A 115 -2.86 9.34 10.78
N ALA A 116 -3.23 8.08 11.02
CA ALA A 116 -2.92 7.01 10.09
C ALA A 116 -4.07 6.08 9.93
N THR A 117 -5.24 6.65 9.75
CA THR A 117 -6.40 5.82 9.58
C THR A 117 -6.62 5.60 8.06
N PRO A 118 -7.42 4.60 7.68
CA PRO A 118 -7.74 4.25 6.30
C PRO A 118 -8.32 5.33 5.43
N THR A 119 -7.73 5.49 4.26
CA THR A 119 -8.25 6.45 3.27
C THR A 119 -8.01 5.76 1.96
N ASP A 120 -8.90 5.98 1.00
CA ASP A 120 -8.80 5.44 -0.34
C ASP A 120 -10.03 5.81 -1.15
N TYR A 121 -10.01 5.51 -2.45
CA TYR A 121 -11.18 5.81 -3.24
C TYR A 121 -12.18 4.73 -2.84
N ASP A 122 -13.44 5.10 -2.62
CA ASP A 122 -14.46 4.13 -2.27
C ASP A 122 -14.81 3.31 -3.52
N PRO A 123 -14.83 1.96 -3.43
CA PRO A 123 -15.16 1.27 -4.69
C PRO A 123 -16.59 1.33 -5.21
N LYS A 124 -17.49 1.93 -4.44
CA LYS A 124 -18.85 2.02 -4.89
C LYS A 124 -19.16 3.44 -5.41
N THR A 125 -18.98 4.44 -4.54
CA THR A 125 -19.26 5.85 -4.89
C THR A 125 -18.17 6.53 -5.74
N ASN A 126 -16.97 5.94 -5.72
CA ASN A 126 -15.81 6.44 -6.48
C ASN A 126 -15.22 7.78 -6.01
N TYR A 127 -15.66 8.25 -4.86
CA TYR A 127 -15.16 9.47 -4.30
C TYR A 127 -14.05 9.11 -3.39
N PHE A 128 -13.03 9.95 -3.30
CA PHE A 128 -11.95 9.64 -2.38
C PHE A 128 -12.51 9.75 -0.91
N ASN A 129 -12.38 8.68 -0.16
CA ASN A 129 -12.93 8.66 1.17
C ASN A 129 -11.96 9.04 2.27
N THR A 130 -12.17 10.20 2.84
CA THR A 130 -11.28 10.68 3.89
C THR A 130 -12.00 10.80 5.25
N SER A 131 -13.13 10.10 5.38
CA SER A 131 -13.90 10.21 6.60
C SER A 131 -13.21 9.79 7.91
N THR A 132 -12.34 8.77 7.89
CA THR A 132 -11.69 8.40 9.13
C THR A 132 -10.82 9.53 9.58
N VAL A 133 -10.17 10.21 8.63
CA VAL A 133 -9.29 11.32 8.96
C VAL A 133 -10.10 12.53 9.46
N GLU A 134 -11.22 12.80 8.78
CA GLU A 134 -12.12 13.92 9.17
C GLU A 134 -12.50 13.67 10.65
N ALA A 135 -12.99 12.46 10.92
CA ALA A 135 -13.37 12.06 12.24
C ALA A 135 -12.25 12.25 13.26
N VAL A 136 -11.07 11.72 13.02
CA VAL A 136 -10.03 11.88 14.00
C VAL A 136 -9.73 13.34 14.25
N ILE A 137 -9.92 14.19 13.25
CA ILE A 137 -9.58 15.61 13.46
C ILE A 137 -10.61 16.33 14.33
N ARG A 138 -11.87 15.94 14.19
CA ARG A 138 -12.91 16.57 14.97
C ARG A 138 -12.68 16.14 16.41
N ASP A 139 -12.38 14.86 16.59
CA ASP A 139 -12.11 14.33 17.91
C ASP A 139 -10.97 15.05 18.62
N VAL A 140 -9.82 15.19 17.96
CA VAL A 140 -8.67 15.81 18.59
C VAL A 140 -8.89 17.26 18.86
N THR A 141 -9.63 17.87 17.97
CA THR A 141 -9.91 19.30 18.08
C THR A 141 -10.72 19.47 19.36
N GLU A 142 -11.71 18.62 19.48
CA GLU A 142 -12.61 18.53 20.61
C GLU A 142 -11.91 18.19 21.97
N ILE A 143 -11.14 17.10 22.01
CA ILE A 143 -10.45 16.59 23.18
C ILE A 143 -9.11 17.24 23.58
N ASN A 144 -8.31 17.68 22.62
CA ASN A 144 -7.01 18.28 22.94
C ASN A 144 -6.62 19.21 21.83
N PRO A 145 -7.36 20.33 21.69
CA PRO A 145 -7.08 21.33 20.64
C PRO A 145 -5.68 21.92 20.72
N ASN A 146 -4.83 21.38 21.56
CA ASN A 146 -3.49 21.89 21.59
C ASN A 146 -2.51 20.93 21.01
N ALA A 147 -2.96 19.75 20.64
CA ALA A 147 -2.03 18.82 20.06
C ALA A 147 -1.80 19.26 18.60
N VAL A 148 -0.62 19.00 18.07
CA VAL A 148 -0.33 19.30 16.66
C VAL A 148 -0.60 17.98 15.91
N MET A 149 -1.55 18.04 14.98
CA MET A 149 -1.88 16.86 14.20
C MET A 149 -1.04 16.67 12.90
N ILE A 150 -0.30 15.57 12.80
CA ILE A 150 0.44 15.27 11.57
C ILE A 150 -0.33 14.19 10.75
N ILE A 151 -0.89 14.54 9.59
CA ILE A 151 -1.57 13.54 8.79
C ILE A 151 -0.55 12.73 7.99
N LYS A 152 -0.57 11.41 8.16
CA LYS A 152 0.32 10.51 7.43
C LYS A 152 -0.49 9.69 6.37
N SER A 153 -1.80 9.59 6.59
CA SER A 153 -2.71 8.92 5.68
C SER A 153 -2.77 9.71 4.40
N THR A 154 -2.77 9.01 3.26
CA THR A 154 -2.80 9.77 2.02
C THR A 154 -4.13 10.49 1.87
N ILE A 155 -4.07 11.76 1.50
CA ILE A 155 -5.27 12.58 1.34
C ILE A 155 -5.28 13.33 0.02
N PRO A 156 -6.44 13.77 -0.43
CA PRO A 156 -6.43 14.51 -1.70
C PRO A 156 -5.71 15.87 -1.63
N VAL A 157 -5.15 16.30 -2.75
CA VAL A 157 -4.46 17.56 -2.77
C VAL A 157 -5.46 18.66 -2.43
N GLY A 158 -5.08 19.44 -1.41
CA GLY A 158 -5.92 20.54 -0.94
C GLY A 158 -6.75 20.23 0.29
N PHE A 159 -6.76 18.98 0.75
CA PHE A 159 -7.53 18.57 1.91
C PHE A 159 -7.15 19.39 3.17
N THR A 160 -5.87 19.42 3.50
CA THR A 160 -5.43 20.14 4.67
C THR A 160 -5.81 21.61 4.68
N ARG A 161 -5.53 22.29 3.59
CA ARG A 161 -5.81 23.71 3.54
C ARG A 161 -7.30 23.89 3.68
N ASP A 162 -8.07 23.03 3.03
CA ASP A 162 -9.48 23.21 3.13
C ASP A 162 -10.08 22.91 4.51
N ILE A 163 -9.63 21.84 5.16
CA ILE A 163 -10.20 21.48 6.46
C ILE A 163 -9.73 22.45 7.52
N LYS A 164 -8.50 22.95 7.38
CA LYS A 164 -7.97 23.92 8.31
C LYS A 164 -8.94 25.10 8.28
N GLU A 165 -9.51 25.32 7.13
CA GLU A 165 -10.39 26.43 7.02
C GLU A 165 -11.83 26.12 7.40
N ARG A 166 -12.38 25.02 6.92
CA ARG A 166 -13.74 24.61 7.21
C ARG A 166 -14.04 24.49 8.75
N LEU A 167 -13.04 24.07 9.54
CA LEU A 167 -13.19 23.91 10.98
C LEU A 167 -12.65 25.12 11.71
N GLY A 168 -11.70 25.83 11.14
CA GLY A 168 -11.20 26.99 11.84
C GLY A 168 -10.12 26.61 12.81
N ILE A 169 -9.31 25.64 12.44
CA ILE A 169 -8.23 25.25 13.32
C ILE A 169 -6.99 25.55 12.55
N ASP A 170 -5.84 25.30 13.16
CA ASP A 170 -4.61 25.61 12.50
C ASP A 170 -3.59 24.54 12.78
N ASN A 171 -3.89 23.65 13.69
CA ASN A 171 -2.92 22.63 14.03
C ASN A 171 -2.99 21.29 13.23
N VAL A 172 -3.01 21.39 11.91
CA VAL A 172 -3.06 20.24 11.03
C VAL A 172 -1.94 20.41 10.01
N ILE A 173 -1.11 19.38 9.89
CA ILE A 173 0.01 19.40 8.98
C ILE A 173 0.03 18.06 8.24
N PHE A 174 0.21 18.09 6.92
CA PHE A 174 0.29 16.83 6.20
C PHE A 174 1.76 16.43 6.02
N SER A 175 2.09 15.16 6.16
CA SER A 175 3.47 14.72 5.94
C SER A 175 3.32 13.36 5.28
N PRO A 176 3.64 13.28 3.99
CA PRO A 176 3.51 12.01 3.28
C PRO A 176 4.27 10.83 3.83
N GLU A 177 3.67 9.65 3.64
CA GLU A 177 4.26 8.39 4.02
C GLU A 177 4.81 7.73 2.71
N PHE A 178 6.02 7.22 2.72
CA PHE A 178 6.51 6.58 1.48
C PHE A 178 6.88 5.14 1.71
N LEU A 179 6.30 4.50 2.71
CA LEU A 179 6.75 3.17 2.98
C LEU A 179 5.94 2.09 2.28
N ARG A 180 6.55 0.91 2.11
CA ARG A 180 5.88 -0.22 1.47
C ARG A 180 5.39 -1.24 2.47
N GLU A 181 4.17 -1.72 2.29
CA GLU A 181 3.66 -2.71 3.21
C GLU A 181 4.69 -3.88 3.28
N GLY A 182 4.97 -4.34 4.51
CA GLY A 182 5.91 -5.42 4.68
C GLY A 182 7.30 -4.94 4.99
N ARG A 183 7.63 -3.69 4.66
CA ARG A 183 8.96 -3.12 4.95
C ARG A 183 8.69 -1.78 5.65
N ALA A 184 7.54 -1.70 6.31
CA ALA A 184 7.08 -0.48 6.92
C ALA A 184 8.03 0.20 7.88
N LEU A 185 8.46 -0.53 8.91
CA LEU A 185 9.37 0.05 9.85
C LEU A 185 10.71 0.22 9.17
N TYR A 186 11.05 -0.76 8.37
CA TYR A 186 12.29 -0.73 7.65
C TYR A 186 12.45 0.58 6.84
N ASP A 187 11.39 0.95 6.11
CA ASP A 187 11.48 2.15 5.31
C ASP A 187 11.53 3.39 6.16
N ASN A 188 11.11 3.29 7.41
CA ASN A 188 11.17 4.45 8.32
C ASN A 188 12.55 4.52 8.99
N LEU A 189 13.16 3.36 9.25
CA LEU A 189 14.48 3.30 9.82
C LEU A 189 15.52 3.80 8.79
N HIS A 190 15.19 3.62 7.50
CA HIS A 190 16.07 4.07 6.39
C HIS A 190 15.18 4.77 5.37
N PRO A 191 14.61 5.95 5.70
CA PRO A 191 13.74 6.63 4.72
C PRO A 191 14.43 7.29 3.50
N SER A 192 13.78 7.24 2.32
CA SER A 192 14.32 7.96 1.16
C SER A 192 14.43 9.44 1.56
N ARG A 193 13.40 9.97 2.21
CA ARG A 193 13.43 11.35 2.63
C ARG A 193 12.24 11.63 3.55
N ILE A 194 12.23 12.82 4.13
CA ILE A 194 11.15 13.23 4.99
C ILE A 194 10.61 14.51 4.46
N VAL A 195 9.30 14.58 4.34
CA VAL A 195 8.63 15.78 3.85
C VAL A 195 7.53 16.15 4.88
N ILE A 196 7.56 17.40 5.35
CA ILE A 196 6.56 17.87 6.28
C ILE A 196 5.89 19.04 5.61
N GLY A 197 4.56 19.01 5.62
CA GLY A 197 3.82 20.06 4.95
C GLY A 197 3.65 21.37 5.68
N GLU A 198 4.74 21.87 6.28
CA GLU A 198 4.69 23.13 6.99
C GLU A 198 6.07 23.68 7.21
N ARG A 199 6.22 24.98 7.02
CA ARG A 199 7.52 25.56 7.25
C ARG A 199 7.40 26.23 8.62
N SER A 200 7.91 25.57 9.65
CA SER A 200 7.82 26.10 11.01
C SER A 200 8.66 25.31 12.00
N ALA A 201 8.77 25.89 13.18
CA ALA A 201 9.55 25.28 14.22
C ALA A 201 8.90 23.95 14.65
N ARG A 202 7.56 23.96 14.81
CA ARG A 202 6.87 22.73 15.21
C ARG A 202 7.03 21.66 14.12
N ALA A 203 7.19 22.10 12.87
CA ALA A 203 7.36 21.15 11.80
C ALA A 203 8.74 20.58 11.90
N GLU A 204 9.74 21.40 12.22
CA GLU A 204 11.07 20.78 12.35
C GLU A 204 11.19 19.91 13.59
N ARG A 205 10.45 20.28 14.64
CA ARG A 205 10.53 19.52 15.86
C ARG A 205 10.10 18.07 15.51
N PHE A 206 9.03 17.96 14.71
CA PHE A 206 8.53 16.66 14.32
C PHE A 206 9.53 15.90 13.43
N ALA A 207 10.10 16.60 12.46
CA ALA A 207 11.07 15.98 11.59
C ALA A 207 12.19 15.41 12.43
N ASP A 208 12.57 16.09 13.50
CA ASP A 208 13.66 15.55 14.32
C ASP A 208 13.30 14.29 15.04
N LEU A 209 12.03 14.17 15.39
CA LEU A 209 11.55 12.95 16.03
C LEU A 209 11.84 11.81 15.04
N LEU A 210 11.40 11.97 13.80
CA LEU A 210 11.62 10.96 12.77
C LEU A 210 13.07 10.68 12.48
N LYS A 211 13.90 11.73 12.42
CA LYS A 211 15.32 11.51 12.15
C LYS A 211 15.99 10.82 13.32
N GLU A 212 15.59 11.20 14.54
CA GLU A 212 16.17 10.63 15.73
C GLU A 212 15.95 9.13 15.87
N GLY A 213 14.77 8.67 15.48
CA GLY A 213 14.49 7.23 15.56
C GLY A 213 15.15 6.40 14.46
N ALA A 214 15.43 7.02 13.32
CA ALA A 214 16.04 6.37 12.18
C ALA A 214 17.44 5.85 12.37
N ILE A 215 17.78 4.83 11.59
CA ILE A 215 19.10 4.28 11.58
C ILE A 215 19.89 5.13 10.54
N LYS A 216 19.35 5.26 9.34
CA LYS A 216 19.98 6.06 8.30
C LYS A 216 20.29 7.47 8.85
N GLN A 217 21.43 8.05 8.43
CA GLN A 217 21.85 9.40 8.89
C GLN A 217 21.71 10.43 7.77
N ASP A 218 21.61 11.71 8.12
CA ASP A 218 21.51 12.74 7.08
C ASP A 218 20.31 12.56 6.16
N ILE A 219 19.15 12.24 6.73
CA ILE A 219 17.98 12.03 5.89
C ILE A 219 17.65 13.36 5.21
N PRO A 220 17.51 13.35 3.86
CA PRO A 220 17.16 14.58 3.14
C PRO A 220 15.79 14.97 3.72
N THR A 221 15.63 16.24 4.06
CA THR A 221 14.39 16.72 4.69
C THR A 221 13.89 17.93 3.98
N LEU A 222 12.63 17.91 3.58
CA LEU A 222 12.13 19.05 2.86
C LEU A 222 10.89 19.60 3.55
N PHE A 223 10.84 20.91 3.77
CA PHE A 223 9.69 21.56 4.41
C PHE A 223 8.97 22.33 3.34
N THR A 224 7.64 22.22 3.29
CA THR A 224 6.86 22.88 2.23
C THR A 224 5.52 23.23 2.82
N ASP A 225 4.61 23.74 2.00
CA ASP A 225 3.27 24.01 2.48
C ASP A 225 2.58 22.67 2.40
N SER A 226 1.38 22.58 2.94
CA SER A 226 0.67 21.32 2.95
C SER A 226 0.13 20.91 1.58
N THR A 227 -0.33 21.87 0.77
CA THR A 227 -0.83 21.46 -0.53
C THR A 227 0.37 20.89 -1.35
N GLU A 228 1.53 21.51 -1.28
CA GLU A 228 2.72 20.98 -1.98
C GLU A 228 3.04 19.56 -1.51
N ALA A 229 3.01 19.40 -0.19
CA ALA A 229 3.34 18.13 0.34
C ALA A 229 2.35 17.07 -0.11
N GLU A 230 1.06 17.40 -0.20
CA GLU A 230 0.07 16.43 -0.70
C GLU A 230 0.34 16.10 -2.18
N ALA A 231 0.71 17.11 -2.95
CA ALA A 231 0.99 16.87 -4.35
C ALA A 231 2.26 16.02 -4.48
N ILE A 232 3.24 16.21 -3.59
CA ILE A 232 4.44 15.42 -3.70
C ILE A 232 4.07 13.96 -3.55
N LYS A 233 3.12 13.65 -2.65
CA LYS A 233 2.70 12.24 -2.44
C LYS A 233 1.96 11.69 -3.67
N LEU A 234 1.03 12.50 -4.20
CA LEU A 234 0.24 12.12 -5.36
C LEU A 234 1.14 11.77 -6.59
N PHE A 235 2.07 12.68 -6.91
CA PHE A 235 2.94 12.51 -8.04
C PHE A 235 4.00 11.42 -7.85
N ALA A 236 4.51 11.26 -6.63
CA ALA A 236 5.46 10.20 -6.42
C ALA A 236 4.77 8.85 -6.73
N ASN A 237 3.59 8.63 -6.21
CA ASN A 237 2.87 7.38 -6.43
C ASN A 237 2.45 7.23 -7.89
N THR A 238 2.03 8.34 -8.50
CA THR A 238 1.64 8.33 -9.90
C THR A 238 2.79 7.82 -10.76
N TYR A 239 3.99 8.30 -10.50
CA TYR A 239 5.13 7.88 -11.25
C TYR A 239 5.45 6.41 -11.08
N LEU A 240 5.35 5.91 -9.85
CA LEU A 240 5.67 4.50 -9.61
C LEU A 240 4.68 3.61 -10.34
N ALA A 241 3.43 4.03 -10.35
CA ALA A 241 2.37 3.29 -11.02
C ALA A 241 2.64 3.36 -12.54
N LEU A 242 3.05 4.53 -13.00
CA LEU A 242 3.37 4.74 -14.40
C LEU A 242 4.52 3.80 -14.81
N ARG A 243 5.60 3.76 -14.02
CA ARG A 243 6.70 2.90 -14.36
C ARG A 243 6.26 1.43 -14.49
N VAL A 244 5.52 0.93 -13.51
CA VAL A 244 5.05 -0.43 -13.58
C VAL A 244 4.15 -0.65 -14.80
N ALA A 245 3.25 0.30 -15.07
CA ALA A 245 2.34 0.19 -16.20
C ALA A 245 3.17 0.08 -17.51
N TYR A 246 4.17 0.93 -17.63
CA TYR A 246 5.06 0.91 -18.75
C TYR A 246 5.76 -0.47 -18.88
N PHE A 247 6.38 -0.99 -17.83
CA PHE A 247 7.01 -2.29 -18.03
C PHE A 247 5.99 -3.39 -18.35
N ASN A 248 4.78 -3.26 -17.86
CA ASN A 248 3.82 -4.24 -18.23
C ASN A 248 3.40 -4.09 -19.72
N GLU A 249 3.41 -2.91 -20.36
CA GLU A 249 3.06 -2.85 -21.78
C GLU A 249 4.22 -3.47 -22.58
N LEU A 250 5.44 -3.11 -22.18
CA LEU A 250 6.62 -3.59 -22.80
C LEU A 250 6.51 -5.11 -22.77
N ASP A 251 6.23 -5.65 -21.59
CA ASP A 251 6.14 -7.09 -21.52
C ASP A 251 5.04 -7.65 -22.42
N SER A 252 3.89 -7.01 -22.49
CA SER A 252 2.77 -7.47 -23.35
C SER A 252 3.21 -7.44 -24.81
N TYR A 253 3.84 -6.33 -25.18
CA TYR A 253 4.34 -6.13 -26.53
C TYR A 253 5.28 -7.28 -26.90
N ALA A 254 6.31 -7.53 -26.09
CA ALA A 254 7.21 -8.63 -26.40
C ALA A 254 6.42 -9.93 -26.55
N GLU A 255 5.65 -10.30 -25.52
CA GLU A 255 4.93 -11.56 -25.65
C GLU A 255 4.11 -11.65 -26.93
N SER A 256 3.39 -10.61 -27.30
CA SER A 256 2.59 -10.80 -28.48
C SER A 256 3.38 -10.82 -29.77
N GLN A 257 4.56 -10.24 -29.73
CA GLN A 257 5.43 -10.17 -30.90
C GLN A 257 6.43 -11.34 -30.94
N GLY A 258 6.37 -12.25 -29.98
CA GLY A 258 7.33 -13.33 -29.94
C GLY A 258 8.72 -12.96 -29.40
N LEU A 259 8.93 -11.76 -28.89
CA LEU A 259 10.25 -11.37 -28.40
C LEU A 259 10.51 -11.79 -26.96
N ASN A 260 11.79 -11.75 -26.60
CA ASN A 260 12.27 -12.08 -25.27
C ASN A 260 12.21 -10.81 -24.37
N SER A 261 11.27 -10.80 -23.43
CA SER A 261 11.10 -9.64 -22.51
C SER A 261 12.32 -9.29 -21.74
N LYS A 262 12.91 -10.33 -21.18
CA LYS A 262 14.08 -10.05 -20.39
C LYS A 262 15.25 -9.36 -21.11
N GLN A 263 15.56 -9.72 -22.37
CA GLN A 263 16.69 -9.10 -23.05
C GLN A 263 16.31 -7.66 -23.33
N ILE A 264 15.07 -7.45 -23.78
CA ILE A 264 14.59 -6.10 -24.06
C ILE A 264 14.66 -5.18 -22.84
N ILE A 265 14.19 -5.67 -21.70
CA ILE A 265 14.23 -4.87 -20.49
C ILE A 265 15.67 -4.60 -20.09
N GLU A 266 16.53 -5.60 -20.21
CA GLU A 266 17.94 -5.37 -19.87
C GLU A 266 18.51 -4.20 -20.70
N GLY A 267 18.26 -4.30 -22.02
CA GLY A 267 18.71 -3.29 -22.94
C GLY A 267 18.19 -1.91 -22.62
N VAL A 268 16.88 -1.80 -22.37
CA VAL A 268 16.24 -0.55 -22.04
C VAL A 268 16.78 0.03 -20.72
N CYS A 269 16.88 -0.84 -19.71
CA CYS A 269 17.35 -0.40 -18.40
C CYS A 269 18.83 -0.13 -18.28
N LEU A 270 19.63 -0.52 -19.28
CA LEU A 270 21.05 -0.15 -19.21
C LEU A 270 21.20 1.37 -19.40
N ASP A 271 20.15 2.08 -19.82
CA ASP A 271 20.21 3.55 -19.93
C ASP A 271 20.09 3.99 -18.45
N PRO A 272 21.12 4.69 -17.94
CA PRO A 272 21.06 5.13 -16.53
C PRO A 272 19.88 6.10 -16.26
N ARG A 273 19.28 6.70 -17.29
CA ARG A 273 18.15 7.59 -17.00
C ARG A 273 16.91 6.73 -16.74
N ILE A 274 16.99 5.43 -17.03
CA ILE A 274 15.84 4.58 -16.82
C ILE A 274 16.07 3.67 -15.62
N GLY A 275 17.22 3.03 -15.59
CA GLY A 275 17.57 2.21 -14.46
C GLY A 275 17.06 0.80 -14.39
N ASN A 276 17.91 -0.04 -13.81
CA ASN A 276 17.56 -1.42 -13.65
C ASN A 276 16.96 -1.62 -12.25
N HIS A 277 15.73 -1.19 -12.06
CA HIS A 277 15.08 -1.36 -10.77
C HIS A 277 13.58 -1.22 -11.05
N TYR A 278 12.75 -1.68 -10.11
CA TYR A 278 11.31 -1.53 -10.19
C TYR A 278 10.83 -1.75 -11.62
N ASN A 279 11.11 -2.93 -12.15
CA ASN A 279 10.82 -3.20 -13.55
C ASN A 279 10.44 -4.65 -13.79
N ASN A 280 9.83 -5.27 -12.80
CA ASN A 280 9.45 -6.65 -12.93
C ASN A 280 8.01 -6.80 -13.39
N PRO A 281 7.80 -7.25 -14.64
CA PRO A 281 6.47 -7.44 -15.22
C PRO A 281 5.55 -8.25 -14.27
N SER A 282 4.24 -8.01 -14.30
CA SER A 282 3.29 -8.68 -13.43
C SER A 282 1.96 -8.70 -14.13
N PHE A 283 0.91 -9.13 -13.45
CA PHE A 283 -0.41 -9.21 -14.10
C PHE A 283 -1.12 -7.88 -14.09
N GLY A 284 -0.47 -6.85 -13.58
CA GLY A 284 -1.11 -5.55 -13.50
C GLY A 284 -0.69 -5.03 -12.13
N TYR A 285 -0.72 -3.71 -11.92
CA TYR A 285 -0.37 -3.13 -10.62
C TYR A 285 -1.68 -2.89 -9.83
N GLY A 286 -1.55 -2.61 -8.54
CA GLY A 286 -2.70 -2.35 -7.72
C GLY A 286 -2.26 -1.43 -6.62
N GLY A 287 -3.18 -0.65 -6.06
CA GLY A 287 -2.80 0.24 -4.97
C GLY A 287 -2.47 1.69 -5.27
N TYR A 288 -1.56 2.26 -4.47
CA TYR A 288 -1.11 3.65 -4.63
C TYR A 288 -2.13 4.74 -4.32
N CYS A 289 -3.33 4.44 -3.86
CA CYS A 289 -4.31 5.49 -3.61
C CYS A 289 -4.50 6.35 -4.84
N LEU A 290 -4.56 5.69 -6.00
CA LEU A 290 -4.79 6.41 -7.25
C LEU A 290 -6.13 5.94 -7.84
N PRO A 291 -6.82 6.81 -8.57
CA PRO A 291 -8.09 6.40 -9.17
C PRO A 291 -7.72 5.13 -9.90
N LYS A 292 -8.56 4.09 -9.92
CA LYS A 292 -8.13 2.81 -10.52
C LYS A 292 -8.75 2.38 -11.84
N ASP A 293 -9.80 3.04 -12.22
CA ASP A 293 -10.51 2.66 -13.42
C ASP A 293 -10.97 3.98 -13.96
N THR A 294 -11.65 4.02 -15.09
CA THR A 294 -11.99 5.34 -15.57
C THR A 294 -13.14 6.01 -14.78
N LYS A 295 -13.98 5.23 -14.11
CA LYS A 295 -15.00 5.90 -13.30
C LYS A 295 -14.39 6.69 -12.11
N GLN A 296 -13.44 6.09 -11.39
CA GLN A 296 -12.79 6.81 -10.30
C GLN A 296 -12.01 8.01 -10.85
N LEU A 297 -11.37 7.82 -12.00
CA LEU A 297 -10.63 8.92 -12.65
C LEU A 297 -11.59 10.02 -12.96
N LEU A 298 -12.75 9.71 -13.52
CA LEU A 298 -13.70 10.75 -13.85
C LEU A 298 -14.32 11.48 -12.63
N ALA A 299 -14.45 10.78 -11.54
CA ALA A 299 -15.07 11.38 -10.36
C ALA A 299 -14.11 12.24 -9.63
N ASN A 300 -12.88 12.26 -10.10
CA ASN A 300 -11.90 12.99 -9.36
C ASN A 300 -10.93 13.70 -10.27
N TYR A 301 -11.23 13.76 -11.58
CA TYR A 301 -10.32 14.41 -12.57
C TYR A 301 -10.20 15.79 -12.05
N GLU A 302 -9.08 16.47 -12.20
CA GLU A 302 -9.04 17.82 -11.62
C GLU A 302 -8.53 17.86 -10.17
N SER A 303 -8.34 16.70 -9.55
CA SER A 303 -7.73 16.61 -8.25
C SER A 303 -6.45 15.90 -8.61
N VAL A 304 -6.44 15.23 -9.76
CA VAL A 304 -5.31 14.45 -10.25
C VAL A 304 -4.80 14.84 -11.67
N PRO A 305 -3.54 14.47 -12.04
CA PRO A 305 -2.98 14.76 -13.39
C PRO A 305 -3.72 13.81 -14.41
N ASN A 306 -4.74 14.35 -15.08
CA ASN A 306 -5.60 13.64 -16.03
C ASN A 306 -5.01 12.70 -17.09
N ASN A 307 -3.99 13.13 -17.83
CA ASN A 307 -3.47 12.27 -18.86
C ASN A 307 -2.63 11.12 -18.31
N ILE A 308 -1.79 11.39 -17.32
CA ILE A 308 -1.02 10.33 -16.77
C ILE A 308 -1.92 9.25 -16.15
N ILE A 309 -2.86 9.63 -15.28
CA ILE A 309 -3.75 8.65 -14.64
C ILE A 309 -4.52 7.86 -15.70
N ALA A 310 -5.07 8.56 -16.70
CA ALA A 310 -5.82 7.94 -17.77
C ALA A 310 -4.93 6.89 -18.41
N ALA A 311 -3.67 7.25 -18.59
CA ALA A 311 -2.71 6.32 -19.14
C ALA A 311 -2.48 5.07 -18.25
N ILE A 312 -2.18 5.23 -16.96
CA ILE A 312 -1.93 4.02 -16.20
C ILE A 312 -3.21 3.16 -16.10
N VAL A 313 -4.34 3.82 -15.98
CA VAL A 313 -5.62 3.11 -15.88
C VAL A 313 -5.91 2.29 -17.15
N ASP A 314 -5.71 2.89 -18.33
CA ASP A 314 -5.95 2.16 -19.57
C ASP A 314 -4.94 1.04 -19.82
N ALA A 315 -3.69 1.28 -19.47
CA ALA A 315 -2.63 0.29 -19.58
C ALA A 315 -2.92 -0.95 -18.70
N ASN A 316 -3.40 -0.69 -17.49
CA ASN A 316 -3.68 -1.75 -16.54
C ASN A 316 -4.89 -2.54 -17.02
N ARG A 317 -5.89 -1.87 -17.53
CA ARG A 317 -7.04 -2.59 -17.96
C ARG A 317 -6.63 -3.50 -19.11
N THR A 318 -5.84 -2.92 -19.99
CA THR A 318 -5.30 -3.58 -21.16
C THR A 318 -4.36 -4.73 -20.83
N ARG A 319 -3.58 -4.60 -19.78
CA ARG A 319 -2.67 -5.65 -19.39
C ARG A 319 -3.43 -6.88 -18.91
N LYS A 320 -4.55 -6.66 -18.21
CA LYS A 320 -5.34 -7.75 -17.68
C LYS A 320 -6.06 -8.39 -18.84
N ASP A 321 -6.46 -7.64 -19.85
CA ASP A 321 -7.10 -8.31 -20.98
C ASP A 321 -6.03 -9.19 -21.68
N PHE A 322 -4.88 -8.62 -21.96
CA PHE A 322 -3.87 -9.40 -22.57
C PHE A 322 -3.53 -10.67 -21.77
N ILE A 323 -3.30 -10.55 -20.46
CA ILE A 323 -2.95 -11.70 -19.65
C ILE A 323 -4.09 -12.73 -19.65
N ALA A 324 -5.32 -12.30 -19.47
CA ALA A 324 -6.39 -13.27 -19.44
C ALA A 324 -6.52 -13.94 -20.82
N ASP A 325 -6.34 -13.15 -21.87
CA ASP A 325 -6.44 -13.72 -23.21
C ASP A 325 -5.34 -14.73 -23.43
N SER A 326 -4.17 -14.36 -22.99
CA SER A 326 -3.06 -15.23 -23.10
C SER A 326 -3.27 -16.54 -22.34
N ILE A 327 -3.96 -16.49 -21.18
CA ILE A 327 -4.21 -17.73 -20.45
C ILE A 327 -5.30 -18.55 -21.15
N LEU A 328 -6.36 -17.89 -21.60
CA LEU A 328 -7.44 -18.63 -22.27
C LEU A 328 -6.98 -19.35 -23.55
N ALA A 329 -5.92 -18.84 -24.18
CA ALA A 329 -5.40 -19.43 -25.40
C ALA A 329 -4.76 -20.80 -25.14
N ARG A 330 -4.34 -21.05 -23.90
CA ARG A 330 -3.79 -22.35 -23.54
C ARG A 330 -4.99 -23.34 -23.41
N LYS A 331 -6.19 -22.91 -23.82
CA LYS A 331 -7.40 -23.76 -23.75
C LYS A 331 -7.46 -24.64 -22.51
N PRO A 332 -7.41 -24.03 -21.31
CA PRO A 332 -7.48 -24.75 -20.02
C PRO A 332 -8.88 -25.25 -19.70
N LYS A 333 -8.94 -26.28 -18.89
CA LYS A 333 -10.22 -26.88 -18.45
C LYS A 333 -10.53 -26.30 -17.04
N VAL A 334 -9.50 -26.22 -16.20
CA VAL A 334 -9.63 -25.67 -14.87
C VAL A 334 -8.41 -24.78 -14.63
N VAL A 335 -8.63 -23.50 -14.35
CA VAL A 335 -7.53 -22.59 -14.05
C VAL A 335 -7.38 -22.52 -12.52
N GLY A 336 -6.14 -22.61 -12.05
CA GLY A 336 -5.86 -22.51 -10.63
C GLY A 336 -5.17 -21.20 -10.33
N VAL A 337 -5.79 -20.41 -9.45
CA VAL A 337 -5.24 -19.10 -9.08
C VAL A 337 -4.45 -19.32 -7.81
N TYR A 338 -3.16 -19.19 -7.97
CA TYR A 338 -2.21 -19.40 -6.88
C TYR A 338 -1.90 -18.10 -6.11
N ARG A 339 -2.60 -17.88 -5.00
CA ARG A 339 -2.48 -16.71 -4.12
C ARG A 339 -3.30 -15.54 -4.64
N LEU A 340 -4.14 -14.97 -3.78
CA LEU A 340 -4.91 -13.79 -4.14
C LEU A 340 -4.18 -12.55 -3.62
N ILE A 341 -3.26 -12.66 -2.67
CA ILE A 341 -2.59 -11.45 -2.23
C ILE A 341 -1.59 -11.09 -3.31
N MET A 342 -1.15 -9.82 -3.37
CA MET A 342 -0.23 -9.48 -4.48
C MET A 342 1.24 -9.64 -4.20
N LYS A 343 1.62 -9.21 -3.01
CA LYS A 343 3.00 -9.31 -2.60
C LYS A 343 3.06 -10.34 -1.49
N SER A 344 4.19 -11.01 -1.42
CA SER A 344 4.40 -12.03 -0.42
C SER A 344 4.17 -11.38 0.95
N GLY A 345 3.54 -12.14 1.85
CA GLY A 345 3.24 -11.66 3.19
C GLY A 345 2.23 -10.52 3.31
N SER A 346 1.52 -10.23 2.23
CA SER A 346 0.55 -9.13 2.25
C SER A 346 -0.81 -9.49 2.85
N ASP A 347 -1.64 -8.49 3.10
CA ASP A 347 -2.93 -8.82 3.60
C ASP A 347 -4.02 -8.15 2.78
N ASN A 348 -3.58 -7.68 1.63
CA ASN A 348 -4.43 -6.96 0.73
C ASN A 348 -4.90 -7.82 -0.46
N PHE A 349 -6.21 -7.93 -0.65
CA PHE A 349 -6.76 -8.66 -1.79
C PHE A 349 -7.27 -7.58 -2.75
N ARG A 350 -7.95 -6.60 -2.15
CA ARG A 350 -8.54 -5.42 -2.81
C ARG A 350 -7.80 -5.01 -4.07
N ALA A 351 -6.56 -4.56 -3.87
CA ALA A 351 -5.69 -4.06 -4.91
C ALA A 351 -4.91 -5.14 -5.56
N SER A 352 -5.44 -6.33 -5.68
CA SER A 352 -4.57 -7.31 -6.29
C SER A 352 -5.04 -7.66 -7.71
N SER A 353 -4.15 -7.43 -8.66
CA SER A 353 -4.49 -7.65 -10.04
C SER A 353 -4.89 -9.08 -10.39
N ILE A 354 -4.55 -10.08 -9.60
CA ILE A 354 -4.97 -11.37 -10.05
C ILE A 354 -6.51 -11.41 -10.09
N GLN A 355 -7.19 -10.59 -9.31
CA GLN A 355 -8.63 -10.57 -9.34
C GLN A 355 -9.24 -10.28 -10.72
N GLY A 356 -8.71 -9.25 -11.39
CA GLY A 356 -9.19 -8.89 -12.72
C GLY A 356 -8.94 -10.00 -13.73
N ILE A 357 -7.92 -10.82 -13.51
CA ILE A 357 -7.65 -11.94 -14.41
C ILE A 357 -8.77 -12.99 -14.21
N MET A 358 -9.01 -13.40 -12.94
CA MET A 358 -10.08 -14.36 -12.59
C MET A 358 -11.38 -13.91 -13.25
N LYS A 359 -11.68 -12.63 -13.06
CA LYS A 359 -12.90 -12.05 -13.56
C LYS A 359 -13.05 -12.34 -15.06
N ARG A 360 -11.99 -12.05 -15.81
CA ARG A 360 -11.95 -12.26 -17.26
C ARG A 360 -12.01 -13.72 -17.67
N ILE A 361 -11.33 -14.59 -16.95
CA ILE A 361 -11.39 -16.00 -17.28
C ILE A 361 -12.78 -16.53 -16.92
N LYS A 362 -13.39 -16.02 -15.86
CA LYS A 362 -14.71 -16.55 -15.49
C LYS A 362 -15.77 -16.07 -16.39
N ALA A 363 -15.51 -14.94 -17.03
CA ALA A 363 -16.46 -14.37 -17.96
C ALA A 363 -16.70 -15.40 -19.09
N LYS A 364 -15.64 -16.13 -19.44
CA LYS A 364 -15.70 -17.15 -20.49
C LYS A 364 -16.24 -18.47 -20.04
N GLY A 365 -16.65 -18.61 -18.77
CA GLY A 365 -17.17 -19.89 -18.29
C GLY A 365 -16.13 -20.87 -17.82
N ILE A 366 -14.85 -20.51 -17.81
CA ILE A 366 -13.85 -21.47 -17.33
C ILE A 366 -13.85 -21.60 -15.78
N PRO A 367 -13.86 -22.83 -15.28
CA PRO A 367 -13.85 -22.89 -13.82
C PRO A 367 -12.49 -22.53 -13.22
N VAL A 368 -12.59 -21.85 -12.07
CA VAL A 368 -11.44 -21.41 -11.32
C VAL A 368 -11.47 -21.91 -9.90
N ILE A 369 -10.30 -22.32 -9.45
CA ILE A 369 -10.12 -22.76 -8.09
C ILE A 369 -8.98 -21.88 -7.54
N ILE A 370 -9.04 -21.63 -6.23
CA ILE A 370 -8.08 -20.73 -5.61
C ILE A 370 -7.28 -21.35 -4.53
N TYR A 371 -6.01 -21.02 -4.47
CA TYR A 371 -5.18 -21.47 -3.36
C TYR A 371 -4.74 -20.19 -2.62
N GLU A 372 -5.38 -19.89 -1.50
CA GLU A 372 -5.07 -18.71 -0.69
C GLU A 372 -5.24 -19.05 0.81
N PRO A 373 -4.14 -19.45 1.45
CA PRO A 373 -4.18 -19.80 2.88
C PRO A 373 -4.75 -18.72 3.80
N VAL A 374 -4.50 -17.45 3.49
CA VAL A 374 -4.94 -16.31 4.27
C VAL A 374 -6.45 -16.14 4.16
N MET A 375 -7.04 -16.79 3.17
CA MET A 375 -8.49 -16.64 2.97
C MET A 375 -9.34 -17.67 3.70
N GLN A 376 -10.23 -17.27 4.60
CA GLN A 376 -11.01 -18.28 5.29
C GLN A 376 -12.18 -18.82 4.48
N GLU A 377 -12.79 -17.96 3.68
CA GLU A 377 -13.93 -18.31 2.84
C GLU A 377 -13.70 -19.54 2.00
N ASP A 378 -14.75 -20.34 1.83
CA ASP A 378 -14.58 -21.54 1.03
C ASP A 378 -14.82 -21.33 -0.46
N GLU A 379 -15.32 -20.15 -0.80
CA GLU A 379 -15.48 -19.80 -2.17
C GLU A 379 -15.32 -18.29 -2.26
N PHE A 380 -14.83 -17.80 -3.40
CA PHE A 380 -14.58 -16.38 -3.67
C PHE A 380 -15.34 -16.13 -4.97
N PHE A 381 -16.26 -15.19 -5.02
CA PHE A 381 -17.07 -15.06 -6.24
C PHE A 381 -17.49 -16.40 -6.84
N ASN A 382 -17.77 -17.35 -5.98
CA ASN A 382 -18.20 -18.66 -6.34
C ASN A 382 -17.15 -19.58 -6.86
N SER A 383 -15.89 -19.19 -6.78
CA SER A 383 -14.88 -20.14 -7.19
C SER A 383 -14.41 -20.82 -5.91
N ARG A 384 -14.31 -22.15 -5.97
CA ARG A 384 -13.85 -22.90 -4.83
C ARG A 384 -12.43 -22.57 -4.38
N VAL A 385 -12.31 -22.38 -3.07
CA VAL A 385 -11.03 -22.09 -2.51
C VAL A 385 -10.50 -23.44 -2.05
N VAL A 386 -9.49 -23.98 -2.70
CA VAL A 386 -8.96 -25.29 -2.29
C VAL A 386 -7.91 -25.11 -1.19
N ARG A 387 -8.11 -25.80 -0.07
CA ARG A 387 -7.19 -25.70 1.08
C ARG A 387 -5.89 -26.46 0.91
N ASP A 388 -5.94 -27.59 0.24
CA ASP A 388 -4.73 -28.37 0.09
C ASP A 388 -3.90 -28.14 -1.20
N LEU A 389 -2.67 -27.64 -1.00
CA LEU A 389 -1.84 -27.35 -2.13
C LEU A 389 -1.76 -28.49 -3.12
N ASN A 390 -1.69 -29.72 -2.64
CA ASN A 390 -1.60 -30.80 -3.62
C ASN A 390 -2.85 -31.08 -4.40
N ALA A 391 -3.99 -30.90 -3.75
CA ALA A 391 -5.20 -31.13 -4.49
C ALA A 391 -5.33 -30.03 -5.56
N PHE A 392 -4.87 -28.83 -5.22
CA PHE A 392 -4.95 -27.69 -6.12
C PHE A 392 -4.07 -27.99 -7.32
N LYS A 393 -2.87 -28.48 -7.05
CA LYS A 393 -1.91 -28.76 -8.12
C LYS A 393 -2.44 -29.83 -9.08
N GLN A 394 -3.22 -30.75 -8.55
CA GLN A 394 -3.72 -31.77 -9.40
C GLN A 394 -4.90 -31.38 -10.17
N GLU A 395 -5.78 -30.59 -9.56
CA GLU A 395 -6.96 -30.21 -10.30
C GLU A 395 -6.76 -29.16 -11.39
N ALA A 396 -5.77 -28.29 -11.24
CA ALA A 396 -5.60 -27.25 -12.23
C ALA A 396 -4.73 -27.64 -13.42
N ASP A 397 -5.18 -27.43 -14.67
CA ASP A 397 -4.31 -27.77 -15.78
C ASP A 397 -3.40 -26.60 -16.05
N VAL A 398 -3.88 -25.41 -15.68
CA VAL A 398 -3.07 -24.18 -15.78
C VAL A 398 -3.11 -23.52 -14.41
N ILE A 399 -1.93 -23.23 -13.89
CA ILE A 399 -1.84 -22.55 -12.63
C ILE A 399 -1.25 -21.18 -12.98
N ILE A 400 -1.93 -20.11 -12.56
CA ILE A 400 -1.44 -18.77 -12.84
C ILE A 400 -0.98 -18.20 -11.52
N SER A 401 0.10 -17.45 -11.56
CA SER A 401 0.66 -16.86 -10.36
C SER A 401 1.41 -15.55 -10.66
N ASN A 402 1.08 -14.50 -9.93
CA ASN A 402 1.75 -13.25 -10.14
C ASN A 402 3.26 -13.29 -9.96
N ARG A 403 3.80 -13.96 -8.95
CA ARG A 403 5.27 -14.06 -8.86
C ARG A 403 5.54 -15.54 -8.82
N MET A 404 6.71 -15.97 -9.28
CA MET A 404 7.02 -17.39 -9.23
C MET A 404 7.22 -17.80 -7.78
N ALA A 405 6.95 -19.04 -7.44
CA ALA A 405 7.17 -19.46 -6.06
C ALA A 405 7.77 -20.82 -6.02
N GLU A 406 8.57 -20.99 -4.97
CA GLU A 406 9.27 -22.23 -4.67
C GLU A 406 8.28 -23.43 -4.61
N GLU A 407 7.23 -23.30 -3.81
CA GLU A 407 6.20 -24.32 -3.69
C GLU A 407 5.69 -24.82 -5.04
N LEU A 408 5.87 -24.05 -6.11
CA LEU A 408 5.32 -24.46 -7.40
C LEU A 408 6.35 -25.08 -8.31
N ALA A 409 7.61 -25.08 -7.88
CA ALA A 409 8.68 -25.63 -8.72
C ALA A 409 8.35 -26.98 -9.32
N ASP A 410 7.69 -27.85 -8.58
CA ASP A 410 7.38 -29.17 -9.13
C ASP A 410 6.24 -29.22 -10.19
N VAL A 411 5.61 -28.09 -10.46
CA VAL A 411 4.53 -28.02 -11.46
C VAL A 411 4.79 -26.89 -12.42
N ALA A 412 6.04 -26.44 -12.46
CA ALA A 412 6.47 -25.35 -13.32
C ALA A 412 5.99 -25.42 -14.76
N ASP A 413 5.94 -26.62 -15.30
CA ASP A 413 5.49 -26.86 -16.67
C ASP A 413 4.04 -26.36 -16.94
N LYS A 414 3.22 -26.23 -15.90
CA LYS A 414 1.86 -25.74 -16.15
C LYS A 414 1.57 -24.38 -15.48
N VAL A 415 2.64 -23.76 -15.02
CA VAL A 415 2.54 -22.47 -14.37
C VAL A 415 2.72 -21.29 -15.30
N TYR A 416 1.74 -20.40 -15.26
CA TYR A 416 1.76 -19.22 -16.11
C TYR A 416 2.08 -18.01 -15.22
N THR A 417 3.24 -17.38 -15.40
CA THR A 417 3.57 -16.17 -14.63
C THR A 417 4.37 -15.23 -15.52
N ARG A 418 4.32 -13.93 -15.27
CA ARG A 418 5.14 -13.08 -16.11
C ARG A 418 6.27 -12.54 -15.27
N ASP A 419 6.46 -13.09 -14.10
CA ASP A 419 7.53 -12.65 -13.21
C ASP A 419 8.87 -12.93 -13.88
N LEU A 420 9.78 -11.97 -13.90
CA LEU A 420 11.06 -12.22 -14.50
C LEU A 420 12.14 -12.18 -13.47
N PHE A 421 12.08 -11.24 -12.55
CA PHE A 421 13.15 -11.11 -11.59
C PHE A 421 12.96 -11.59 -10.18
N GLY A 422 11.75 -11.94 -9.78
CA GLY A 422 11.57 -12.42 -8.42
C GLY A 422 11.46 -11.34 -7.35
N ASN A 423 11.31 -10.09 -7.78
CA ASN A 423 11.15 -9.00 -6.83
C ASN A 423 9.85 -8.19 -7.10
N ASP A 424 9.25 -7.70 -6.03
CA ASP A 424 8.05 -6.83 -6.03
C ASP A 424 6.97 -6.87 -7.16
S CXS B . -9.34 -6.92 1.19
O1 CXS B . -7.94 -6.68 1.04
O2 CXS B . -10.05 -5.61 1.37
O3 CXS B . -9.88 -7.60 -0.04
C1 CXS B . -9.64 -7.98 2.64
C2 CXS B . -8.35 -8.47 3.32
C3 CXS B . -8.51 -9.89 3.86
N CXS B . -8.36 -9.88 5.32
C4 CXS B . -7.47 -10.96 5.74
C5 CXS B . -7.05 -10.75 7.20
C6 CXS B . -6.02 -11.78 7.64
C7 CXS B . -6.36 -13.18 7.11
C8 CXS B . -7.83 -13.28 6.72
C9 CXS B . -8.18 -12.31 5.58
C1' UGA C . 4.00 1.58 -2.92
C2' UGA C . 5.22 2.53 -3.05
O2' UGA C . 6.37 1.74 -3.39
C3' UGA C . 5.43 3.30 -1.72
O3' UGA C . 6.47 4.24 -1.83
C4' UGA C . 4.15 4.03 -1.35
O4' UGA C . 4.29 4.69 -0.09
C5' UGA C . 3.00 3.00 -1.30
O5' UGA C . 2.87 2.34 -2.57
C6' UGA C . 1.64 3.64 -1.01
O'P UGA C . 0.69 2.90 -0.93
O'Q UGA C . 1.47 4.98 -0.87
PB UGA C . 3.59 -0.93 -2.22
O1B UGA C . 2.30 -0.88 -3.06
O2B UGA C . 3.27 -1.63 -0.84
O3B UGA C . 4.24 0.57 -1.87
O3A UGA C . 4.78 -1.89 -2.83
PA UGA C . 5.18 -1.73 -4.40
O1A UGA C . 6.37 -2.57 -4.52
O2A UGA C . 5.54 -0.23 -4.79
O5D UGA C . 4.04 -2.41 -5.32
C5D UGA C . 3.25 -1.47 -6.04
C4D UGA C . 2.49 -2.19 -7.20
O4D UGA C . 3.33 -2.34 -8.34
C3D UGA C . 2.02 -3.61 -6.91
O3D UGA C . 0.92 -3.87 -7.75
C2D UGA C . 3.18 -4.47 -7.30
O2D UGA C . 2.79 -5.86 -7.41
C1D UGA C . 3.57 -3.76 -8.62
N1 UGA C . 4.98 -3.89 -9.00
C6 UGA C . 5.96 -3.25 -8.24
C2 UGA C . 5.31 -4.62 -10.14
O2 UGA C . 4.43 -5.16 -10.81
N3 UGA C . 6.66 -4.74 -10.52
C4 UGA C . 7.65 -4.13 -9.78
O4 UGA C . 8.85 -4.23 -10.11
C5 UGA C . 7.28 -3.35 -8.60
C1' UGA D . -13.74 -2.54 -12.77
C2' UGA D . -14.76 -1.50 -13.11
O2' UGA D . -14.10 -0.32 -13.50
C3' UGA D . -15.62 -1.22 -11.92
O3' UGA D . -16.69 -0.43 -12.40
C4' UGA D . -16.21 -2.50 -11.27
O4' UGA D . -16.61 -2.18 -9.92
C5' UGA D . -15.17 -3.65 -11.22
O5' UGA D . -14.45 -3.77 -12.45
C6' UGA D . -15.87 -5.01 -10.84
O'P UGA D . -16.34 -5.77 -11.71
O'Q UGA D . -15.97 -5.39 -9.53
PB UGA D . -11.43 -2.65 -11.99
O1B UGA D . -10.45 -2.37 -10.91
O2B UGA D . -10.99 -1.96 -13.40
O3B UGA D . -12.87 -2.07 -11.66
O3A UGA D . -11.74 -4.22 -12.13
PA UGA D . -10.60 -5.32 -12.43
O1A UGA D . -9.27 -5.04 -11.93
O2A UGA D . -10.56 -5.52 -13.98
O5D UGA D . -11.15 -6.65 -11.80
C5D UGA D . -11.20 -6.55 -10.37
C4D UGA D . -12.66 -6.77 -9.87
O4D UGA D . -13.27 -7.93 -10.39
C3D UGA D . -12.73 -6.89 -8.36
O3D UGA D . -12.91 -5.57 -7.83
C2D UGA D . -13.96 -7.79 -8.11
O2D UGA D . -15.08 -7.03 -7.67
C1D UGA D . -14.30 -8.41 -9.46
N1 UGA D . -14.22 -9.86 -9.49
C6 UGA D . -13.20 -10.53 -8.83
C2 UGA D . -15.15 -10.54 -10.20
O2 UGA D . -16.03 -9.96 -10.78
N3 UGA D . -15.07 -11.88 -10.28
C4 UGA D . -14.08 -12.59 -9.66
O4 UGA D . -14.03 -13.81 -9.77
C5 UGA D . -13.09 -11.89 -8.90
#